data_4GK5
#
_entry.id   4GK5
#
_cell.length_a   119.998
_cell.length_b   72.762
_cell.length_c   104.653
_cell.angle_alpha   90.00
_cell.angle_beta   90.00
_cell.angle_gamma   90.00
#
_symmetry.space_group_name_H-M   'P 21 21 2'
#
loop_
_entity.id
_entity.type
_entity.pdbx_description
1 polymer 'Mitotic spindle assembly checkpoint protein MAD2B'
2 polymer 'DNA polymerase zeta catalytic subunit'
3 polymer 'DNA repair protein REV1'
4 polymer 'DNA polymerase kappa'
#
loop_
_entity_poly.entity_id
_entity_poly.type
_entity_poly.pdbx_seq_one_letter_code
_entity_poly.pdbx_strand_id
1 'polypeptide(L)'
;MGSSHHHHHHSQDPNSMTTLTRQDLNFGQVVADVLCEFLEVAVHLILYVREVYPVGIFQKRKKYNVPVQMSCHPELNQYI
QDTLHCVKPLLEKNDVEKVVVVILDKEHRPVEKFVFEITQPPLLSISSDSLLSHVEQLLAAFILKISVCDAVLDHNPPGC
TFTVLVHTREAATRNMEKIQVIKDFPWILADEQDVHMHDPRLIPLKTMTSDILKMQLYVEERAHKGSGSGSGSGSGSH
;
A,B
2 'polypeptide(L)' MLTPTPDSSPRSTSSPSQSKNGSFTPRTANILKPLMSPPSREEIMATLLDHD C,D
3 'polypeptide(L)'
;MLKHEGPPAEKPLEELSASTSGVPGLSSLQSDPAGCVRPPAPNLAGAVEFNDVKTLLREWITTISDPMEEDILQVVKYCT
DLIEEKDLEKLDLVIKYMKRLMQQSVESVWNMAFDFILDNVQVVLQQTYGSTLKVT
;
E,F
4 'polypeptide(L)' KKSFFDKKRS G
#
# COMPACT_ATOMS: atom_id res chain seq x y z
N LEU A 25 8.20 8.26 2.22
CA LEU A 25 7.06 7.50 1.62
C LEU A 25 5.81 7.66 2.49
N ASN A 26 4.64 7.36 1.92
CA ASN A 26 3.38 7.52 2.62
C ASN A 26 2.32 6.51 2.17
N PHE A 27 1.87 5.68 3.09
CA PHE A 27 0.69 4.86 2.86
C PHE A 27 -0.52 5.72 2.53
N GLY A 28 -1.52 5.12 1.89
CA GLY A 28 -2.76 5.79 1.60
C GLY A 28 -3.76 5.70 2.74
N GLN A 29 -4.86 6.43 2.62
CA GLN A 29 -5.96 6.28 3.53
C GLN A 29 -6.60 4.92 3.42
N VAL A 30 -6.67 4.33 2.23
CA VAL A 30 -7.44 3.07 2.10
C VAL A 30 -6.58 1.92 2.54
N VAL A 31 -5.28 2.04 2.30
CA VAL A 31 -4.33 1.07 2.83
C VAL A 31 -4.45 1.11 4.32
N ALA A 32 -4.37 2.30 4.88
CA ALA A 32 -4.49 2.46 6.30
C ALA A 32 -5.80 1.88 6.88
N ASP A 33 -6.89 1.88 6.12
CA ASP A 33 -8.16 1.32 6.63
C ASP A 33 -8.05 -0.20 6.61
N VAL A 34 -7.43 -0.69 5.54
CA VAL A 34 -7.21 -2.09 5.38
C VAL A 34 -6.42 -2.62 6.58
N LEU A 35 -5.25 -2.02 6.82
CA LEU A 35 -4.36 -2.39 7.90
C LEU A 35 -5.03 -2.39 9.26
N CYS A 36 -5.87 -1.40 9.50
CA CYS A 36 -6.53 -1.29 10.79
C CYS A 36 -7.60 -2.32 10.98
N GLU A 37 -8.26 -2.65 9.87
CA GLU A 37 -9.32 -3.64 9.84
C GLU A 37 -8.59 -4.93 10.19
N PHE A 38 -7.48 -5.15 9.50
CA PHE A 38 -6.68 -6.33 9.72
C PHE A 38 -6.20 -6.50 11.15
N LEU A 39 -5.57 -5.47 11.68
CA LEU A 39 -5.12 -5.50 13.05
C LEU A 39 -6.26 -5.73 14.03
N GLU A 40 -7.45 -5.25 13.73
CA GLU A 40 -8.54 -5.43 14.68
C GLU A 40 -8.85 -6.90 14.87
N VAL A 41 -9.07 -7.55 13.74
CA VAL A 41 -9.25 -8.99 13.74
C VAL A 41 -8.12 -9.68 14.52
N ALA A 42 -6.90 -9.37 14.14
CA ALA A 42 -5.73 -10.01 14.72
C ALA A 42 -5.65 -9.81 16.21
N VAL A 43 -5.85 -8.60 16.68
CA VAL A 43 -5.73 -8.36 18.10
C VAL A 43 -6.76 -9.21 18.78
N HIS A 44 -7.94 -9.32 18.19
CA HIS A 44 -9.03 -10.14 18.76
C HIS A 44 -8.63 -11.58 18.89
N LEU A 45 -8.14 -12.11 17.76
CA LEU A 45 -7.59 -13.45 17.66
C LEU A 45 -6.47 -13.80 18.64
N ILE A 46 -5.39 -13.04 18.65
CA ILE A 46 -4.36 -13.17 19.70
C ILE A 46 -4.96 -13.28 21.09
N LEU A 47 -5.93 -12.42 21.40
CA LEU A 47 -6.51 -12.38 22.73
C LEU A 47 -7.15 -13.71 23.13
N TYR A 48 -7.72 -14.36 22.13
CA TYR A 48 -8.37 -15.65 22.30
C TYR A 48 -7.37 -16.82 22.38
N VAL A 49 -6.47 -16.88 21.41
CA VAL A 49 -5.53 -17.97 21.31
C VAL A 49 -4.59 -18.05 22.49
N ARG A 50 -4.34 -16.93 23.14
CA ARG A 50 -3.45 -16.87 24.30
C ARG A 50 -4.26 -16.80 25.58
N GLU A 51 -5.56 -17.00 25.44
CA GLU A 51 -6.50 -17.02 26.57
C GLU A 51 -6.41 -15.81 27.45
N VAL A 52 -6.39 -14.61 26.88
CA VAL A 52 -6.31 -13.44 27.75
C VAL A 52 -7.68 -13.23 28.33
N TYR A 53 -8.69 -13.48 27.51
CA TYR A 53 -10.09 -13.50 27.93
C TYR A 53 -10.73 -14.84 27.61
N PRO A 54 -11.65 -15.34 28.47
CA PRO A 54 -12.17 -16.68 28.29
C PRO A 54 -13.09 -16.87 27.07
N VAL A 55 -13.10 -18.08 26.52
CA VAL A 55 -13.69 -18.36 25.20
C VAL A 55 -15.18 -18.08 25.10
N GLY A 56 -15.83 -18.02 26.26
CA GLY A 56 -17.23 -17.68 26.36
C GLY A 56 -17.63 -16.42 25.60
N ILE A 57 -16.70 -15.46 25.48
CA ILE A 57 -16.99 -14.19 24.83
C ILE A 57 -16.72 -14.18 23.35
N PHE A 58 -16.08 -15.22 22.83
CA PHE A 58 -15.75 -15.24 21.41
C PHE A 58 -16.80 -15.93 20.57
N GLN A 59 -16.94 -15.49 19.33
CA GLN A 59 -17.90 -16.05 18.41
C GLN A 59 -17.17 -16.23 17.10
N LYS A 60 -17.25 -17.42 16.53
CA LYS A 60 -16.64 -17.64 15.22
C LYS A 60 -17.13 -16.60 14.21
N ARG A 61 -16.27 -16.18 13.31
CA ARG A 61 -16.70 -15.35 12.21
C ARG A 61 -15.72 -15.55 11.06
N LYS A 62 -15.91 -14.90 9.93
CA LYS A 62 -15.06 -15.16 8.78
C LYS A 62 -14.56 -13.87 8.19
N LYS A 63 -13.25 -13.68 8.22
CA LYS A 63 -12.59 -12.58 7.53
C LYS A 63 -11.47 -13.15 6.71
N TYR A 64 -11.12 -12.43 5.66
CA TYR A 64 -10.04 -12.82 4.79
C TYR A 64 -10.25 -14.29 4.33
N ASN A 65 -11.52 -14.65 4.18
CA ASN A 65 -11.98 -15.97 3.74
C ASN A 65 -11.59 -17.11 4.67
N VAL A 66 -11.30 -16.79 5.94
CA VAL A 66 -10.88 -17.80 6.92
C VAL A 66 -11.60 -17.58 8.24
N PRO A 67 -11.66 -18.61 9.07
CA PRO A 67 -12.42 -18.50 10.32
C PRO A 67 -11.66 -17.69 11.35
N VAL A 68 -12.37 -16.99 12.22
CA VAL A 68 -11.74 -16.22 13.27
C VAL A 68 -12.63 -16.12 14.50
N GLN A 69 -12.02 -15.65 15.57
CA GLN A 69 -12.72 -15.38 16.81
C GLN A 69 -12.74 -13.88 16.99
N MET A 70 -13.86 -13.41 17.54
CA MET A 70 -14.07 -12.02 17.81
C MET A 70 -14.86 -12.01 19.09
N SER A 71 -14.43 -11.21 20.03
CA SER A 71 -15.19 -11.02 21.24
C SER A 71 -16.56 -10.46 20.91
N CYS A 72 -17.51 -10.77 21.78
CA CYS A 72 -18.84 -10.15 21.78
C CYS A 72 -19.01 -9.10 22.88
N HIS A 73 -18.10 -9.04 23.84
CA HIS A 73 -18.20 -8.11 24.92
C HIS A 73 -18.03 -6.65 24.42
N PRO A 74 -19.01 -5.77 24.71
CA PRO A 74 -18.99 -4.46 24.08
C PRO A 74 -17.86 -3.55 24.55
N GLU A 75 -17.65 -3.49 25.87
CA GLU A 75 -16.51 -2.73 26.40
C GLU A 75 -15.21 -3.16 25.71
N LEU A 76 -14.97 -4.46 25.59
CA LEU A 76 -13.75 -4.94 24.94
C LEU A 76 -13.66 -4.41 23.54
N ASN A 77 -14.73 -4.54 22.76
CA ASN A 77 -14.64 -4.16 21.36
C ASN A 77 -14.45 -2.67 21.19
N GLN A 78 -14.97 -1.88 22.13
CA GLN A 78 -14.80 -0.42 22.06
C GLN A 78 -13.34 -0.01 22.28
N TYR A 79 -12.73 -0.58 23.31
CA TYR A 79 -11.31 -0.39 23.61
C TYR A 79 -10.45 -0.62 22.38
N ILE A 80 -10.68 -1.72 21.71
CA ILE A 80 -9.84 -2.09 20.59
C ILE A 80 -10.12 -1.20 19.40
N GLN A 81 -11.39 -1.00 19.13
CA GLN A 81 -11.82 -0.09 18.10
C GLN A 81 -11.24 1.30 18.35
N ASP A 82 -11.38 1.80 19.58
CA ASP A 82 -10.84 3.10 19.92
C ASP A 82 -9.35 3.05 19.64
N THR A 83 -8.66 2.02 20.09
CA THR A 83 -7.22 2.02 19.94
C THR A 83 -6.85 2.21 18.51
N LEU A 84 -7.49 1.47 17.62
CA LEU A 84 -7.12 1.48 16.21
C LEU A 84 -7.69 2.67 15.44
N HIS A 85 -8.79 3.21 15.90
CA HIS A 85 -9.31 4.40 15.28
C HIS A 85 -8.19 5.42 15.32
N CYS A 86 -7.49 5.48 16.45
CA CYS A 86 -6.44 6.46 16.68
C CYS A 86 -5.13 6.18 15.92
N VAL A 87 -4.80 4.92 15.72
CA VAL A 87 -3.54 4.58 15.06
C VAL A 87 -3.63 4.92 13.60
N LYS A 88 -4.82 4.76 13.04
CA LYS A 88 -5.05 4.97 11.61
C LYS A 88 -4.39 6.19 10.95
N PRO A 89 -4.69 7.41 11.39
CA PRO A 89 -4.05 8.57 10.79
C PRO A 89 -2.53 8.54 10.76
N LEU A 90 -1.91 7.76 11.66
CA LEU A 90 -0.45 7.64 11.68
C LEU A 90 0.00 6.64 10.64
N LEU A 91 -0.88 5.69 10.31
CA LEU A 91 -0.62 4.70 9.26
C LEU A 91 -0.81 5.36 7.93
N GLU A 92 -1.83 6.18 7.82
CA GLU A 92 -2.05 7.04 6.65
C GLU A 92 -0.77 7.63 6.15
N LYS A 93 0.00 8.25 7.02
CA LYS A 93 1.28 8.89 6.67
C LYS A 93 2.49 7.98 6.81
N ASN A 94 2.22 6.70 7.05
CA ASN A 94 3.25 5.74 7.27
C ASN A 94 4.22 6.17 8.34
N ASP A 95 3.66 6.61 9.46
CA ASP A 95 4.43 7.12 10.56
C ASP A 95 4.65 6.06 11.66
N VAL A 96 4.28 4.82 11.43
CA VAL A 96 4.36 3.77 12.45
C VAL A 96 5.32 2.68 12.06
N GLU A 97 6.26 2.39 12.95
CA GLU A 97 7.18 1.31 12.75
C GLU A 97 6.59 0.00 13.20
N LYS A 98 6.06 -0.04 14.42
CA LYS A 98 5.55 -1.24 15.06
C LYS A 98 4.22 -1.00 15.76
N VAL A 99 3.23 -1.81 15.50
CA VAL A 99 2.12 -1.90 16.41
C VAL A 99 2.42 -3.15 17.16
N VAL A 100 2.20 -3.15 18.46
CA VAL A 100 2.64 -4.24 19.31
C VAL A 100 1.52 -4.56 20.28
N VAL A 101 1.14 -5.83 20.38
CA VAL A 101 0.12 -6.31 21.31
C VAL A 101 0.93 -6.98 22.35
N VAL A 102 1.06 -6.31 23.48
CA VAL A 102 1.84 -6.75 24.63
C VAL A 102 0.90 -7.42 25.61
N ILE A 103 1.27 -8.59 26.05
CA ILE A 103 0.51 -9.31 27.05
C ILE A 103 1.31 -9.29 28.31
N LEU A 104 0.70 -8.76 29.37
CA LEU A 104 1.32 -8.57 30.66
C LEU A 104 0.82 -9.63 31.58
N ASP A 105 1.65 -9.96 32.55
CA ASP A 105 1.34 -11.00 33.49
C ASP A 105 0.67 -10.35 34.69
N LYS A 106 0.47 -11.15 35.73
CA LYS A 106 -0.30 -10.76 36.90
C LYS A 106 0.38 -9.69 37.76
N GLU A 107 1.66 -9.43 37.54
CA GLU A 107 2.41 -8.44 38.29
C GLU A 107 2.85 -7.33 37.35
N HIS A 108 2.13 -7.24 36.23
CA HIS A 108 2.32 -6.23 35.18
C HIS A 108 3.66 -6.22 34.47
N ARG A 109 4.35 -7.37 34.52
CA ARG A 109 5.57 -7.60 33.75
C ARG A 109 5.19 -8.27 32.42
N PRO A 110 5.78 -7.81 31.30
CA PRO A 110 5.48 -8.41 29.99
C PRO A 110 5.88 -9.88 29.79
N VAL A 111 4.95 -10.75 29.44
CA VAL A 111 5.30 -12.15 29.16
C VAL A 111 5.43 -12.43 27.68
N GLU A 112 4.72 -11.70 26.83
CA GLU A 112 4.67 -12.03 25.41
C GLU A 112 4.44 -10.78 24.61
N LYS A 113 4.92 -10.75 23.38
CA LYS A 113 4.74 -9.60 22.51
C LYS A 113 4.44 -10.00 21.10
N PHE A 114 3.42 -9.42 20.51
CA PHE A 114 3.16 -9.70 19.13
C PHE A 114 3.45 -8.45 18.37
N VAL A 115 4.49 -8.48 17.54
CA VAL A 115 4.96 -7.29 16.85
C VAL A 115 4.55 -7.32 15.37
N PHE A 116 3.94 -6.24 14.91
CA PHE A 116 3.70 -5.99 13.50
C PHE A 116 4.63 -4.89 13.05
N GLU A 117 5.57 -5.27 12.22
CA GLU A 117 6.63 -4.41 11.82
C GLU A 117 6.30 -3.99 10.40
N ILE A 118 6.20 -2.69 10.19
CA ILE A 118 5.72 -2.21 8.92
C ILE A 118 6.80 -1.45 8.26
N THR A 119 6.90 -1.61 6.94
CA THR A 119 8.05 -1.18 6.17
C THR A 119 7.58 -0.77 4.78
N GLN A 120 8.36 0.07 4.12
CA GLN A 120 8.08 0.44 2.76
C GLN A 120 9.11 -0.32 1.92
N PRO A 121 8.68 -1.00 0.85
CA PRO A 121 9.63 -1.53 -0.14
C PRO A 121 9.99 -0.46 -1.20
N PRO A 122 11.20 -0.51 -1.78
CA PRO A 122 11.52 0.46 -2.86
C PRO A 122 11.31 -0.09 -4.29
N ILE A 126 10.33 -2.40 -9.79
CA ILE A 126 9.11 -3.02 -9.26
C ILE A 126 8.82 -4.37 -9.97
N SER A 127 8.38 -5.36 -9.19
CA SER A 127 7.87 -6.63 -9.74
C SER A 127 6.87 -7.37 -8.81
N SER A 128 6.69 -6.88 -7.57
CA SER A 128 6.00 -7.64 -6.47
C SER A 128 4.46 -7.77 -6.60
N ASP A 129 3.83 -8.49 -5.65
CA ASP A 129 2.35 -8.66 -5.58
C ASP A 129 1.56 -7.37 -5.34
N SER A 130 0.36 -7.28 -5.89
CA SER A 130 -0.51 -6.12 -5.61
C SER A 130 -1.27 -6.35 -4.32
N LEU A 131 -1.03 -5.47 -3.35
CA LEU A 131 -1.58 -5.66 -2.01
C LEU A 131 -3.09 -5.67 -2.03
N LEU A 132 -3.66 -4.67 -2.70
CA LEU A 132 -5.12 -4.46 -2.74
C LEU A 132 -5.88 -5.50 -3.55
N SER A 133 -5.29 -5.88 -4.68
CA SER A 133 -5.78 -6.97 -5.52
C SER A 133 -5.85 -8.27 -4.79
N HIS A 134 -4.94 -8.47 -3.84
CA HIS A 134 -4.76 -9.77 -3.22
C HIS A 134 -4.89 -9.75 -1.69
N VAL A 135 -5.37 -8.64 -1.16
CA VAL A 135 -5.62 -8.51 0.26
C VAL A 135 -5.88 -9.83 0.96
N GLU A 136 -7.03 -10.46 0.72
CA GLU A 136 -7.44 -11.60 1.57
C GLU A 136 -6.49 -12.78 1.51
N GLN A 137 -5.82 -12.97 0.36
CA GLN A 137 -4.80 -14.01 0.26
C GLN A 137 -3.72 -13.65 1.27
N LEU A 138 -3.13 -12.48 1.03
CA LEU A 138 -1.97 -12.00 1.77
C LEU A 138 -2.19 -11.88 3.30
N LEU A 139 -3.32 -11.35 3.73
CA LEU A 139 -3.48 -11.17 5.15
C LEU A 139 -3.95 -12.42 5.83
N ALA A 140 -4.49 -13.37 5.09
CA ALA A 140 -5.10 -14.52 5.74
C ALA A 140 -3.99 -15.35 6.31
N ALA A 141 -2.87 -15.33 5.58
CA ALA A 141 -1.65 -15.99 6.01
C ALA A 141 -1.32 -15.64 7.43
N PHE A 142 -1.30 -14.34 7.73
CA PHE A 142 -1.04 -13.82 9.06
C PHE A 142 -2.02 -14.44 10.01
N ILE A 143 -3.27 -14.42 9.56
CA ILE A 143 -4.40 -14.86 10.40
C ILE A 143 -4.32 -16.34 10.73
N LEU A 144 -4.05 -17.14 9.72
CA LEU A 144 -3.82 -18.58 9.92
C LEU A 144 -2.70 -18.93 10.91
N LYS A 145 -1.56 -18.26 10.81
CA LYS A 145 -0.41 -18.47 11.72
C LYS A 145 -0.73 -18.12 13.18
N ILE A 146 -1.30 -16.96 13.41
CA ILE A 146 -1.73 -16.64 14.76
C ILE A 146 -2.62 -17.74 15.36
N SER A 147 -3.48 -18.34 14.52
CA SER A 147 -4.46 -19.36 14.93
C SER A 147 -3.79 -20.58 15.54
N VAL A 148 -2.64 -20.95 14.96
CA VAL A 148 -1.89 -22.15 15.37
C VAL A 148 -0.66 -21.84 16.21
N CYS A 149 -0.38 -20.55 16.40
CA CYS A 149 0.87 -20.11 17.02
C CYS A 149 1.09 -20.66 18.44
N ASP A 150 0.02 -21.11 19.08
CA ASP A 150 0.13 -21.69 20.43
C ASP A 150 0.94 -22.98 20.43
N ALA A 151 0.87 -23.73 19.32
CA ALA A 151 1.79 -24.85 19.06
C ALA A 151 3.25 -24.56 19.39
N VAL A 152 3.69 -23.33 19.13
CA VAL A 152 5.11 -22.96 19.24
C VAL A 152 5.44 -22.08 20.44
N LEU A 153 4.50 -21.34 21.00
CA LEU A 153 4.81 -20.60 22.23
C LEU A 153 4.69 -21.49 23.46
N ASP A 154 5.16 -21.02 24.61
CA ASP A 154 4.83 -21.67 25.88
C ASP A 154 3.49 -21.14 26.39
N HIS A 155 2.87 -21.86 27.32
CA HIS A 155 1.58 -21.44 27.85
C HIS A 155 1.82 -20.30 28.82
N ASN A 156 0.94 -19.32 28.78
CA ASN A 156 1.11 -18.12 29.58
C ASN A 156 0.57 -18.39 30.97
N PRO A 157 1.03 -17.58 31.95
CA PRO A 157 0.45 -17.51 33.27
C PRO A 157 -1.00 -17.08 33.22
N PRO A 158 -1.74 -17.34 34.32
CA PRO A 158 -3.12 -16.85 34.36
C PRO A 158 -3.21 -15.39 34.83
N GLY A 159 -4.28 -14.72 34.39
CA GLY A 159 -4.58 -13.35 34.81
C GLY A 159 -3.73 -12.35 34.04
N CYS A 160 -3.33 -12.77 32.85
CA CYS A 160 -2.65 -11.90 31.97
C CYS A 160 -3.67 -10.89 31.48
N THR A 161 -3.23 -9.63 31.35
CA THR A 161 -4.03 -8.61 30.69
C THR A 161 -3.23 -8.18 29.47
N PHE A 162 -3.68 -7.18 28.75
CA PHE A 162 -2.94 -6.72 27.59
C PHE A 162 -2.93 -5.22 27.42
N THR A 163 -2.17 -4.79 26.42
CA THR A 163 -2.03 -3.40 26.05
C THR A 163 -1.52 -3.36 24.62
N VAL A 164 -1.77 -2.25 23.92
CA VAL A 164 -1.17 -1.99 22.61
C VAL A 164 -0.19 -0.83 22.72
N LEU A 165 0.94 -0.99 22.05
CA LEU A 165 2.01 -0.01 22.01
C LEU A 165 2.28 0.32 20.56
N VAL A 166 2.45 1.59 20.27
CA VAL A 166 2.76 2.02 18.93
C VAL A 166 4.16 2.59 18.89
N HIS A 167 5.08 1.98 18.14
CA HIS A 167 6.37 2.60 17.88
C HIS A 167 6.23 3.48 16.64
N THR A 168 6.67 4.72 16.73
CA THR A 168 6.59 5.63 15.63
C THR A 168 7.95 5.70 14.94
N ARG A 169 8.02 6.19 13.71
CA ARG A 169 9.28 6.16 13.00
C ARG A 169 10.17 7.19 13.60
N GLU A 170 9.58 8.34 13.90
CA GLU A 170 10.25 9.53 14.45
C GLU A 170 9.72 9.82 15.88
N ALA A 171 10.52 10.43 16.74
CA ALA A 171 9.94 10.96 17.99
C ALA A 171 9.44 12.34 17.67
N ALA A 172 8.19 12.44 17.25
CA ALA A 172 7.67 13.66 16.69
C ALA A 172 6.39 14.09 17.39
N THR A 173 6.14 15.37 17.34
CA THR A 173 5.05 15.95 18.04
C THR A 173 3.79 15.60 17.24
N ARG A 174 3.88 15.69 15.92
CA ARG A 174 2.72 15.46 15.05
C ARG A 174 2.05 14.11 15.33
N ASN A 175 2.85 13.13 15.73
CA ASN A 175 2.33 11.81 16.03
C ASN A 175 1.31 11.92 17.13
N MET A 176 1.64 12.67 18.17
CA MET A 176 0.69 12.88 19.26
C MET A 176 -0.47 13.76 18.89
N GLU A 177 -0.26 14.78 18.09
CA GLU A 177 -1.38 15.59 17.58
C GLU A 177 -2.41 14.64 16.92
N LYS A 178 -1.95 13.71 16.09
CA LYS A 178 -2.84 12.91 15.27
C LYS A 178 -3.48 11.73 15.99
N ILE A 179 -2.82 11.17 17.01
CA ILE A 179 -3.35 9.98 17.71
C ILE A 179 -4.37 10.35 18.79
N GLN A 180 -4.46 11.63 19.09
CA GLN A 180 -5.14 12.12 20.27
C GLN A 180 -6.52 12.52 19.84
N VAL A 181 -7.16 11.72 19.00
CA VAL A 181 -8.44 12.10 18.39
C VAL A 181 -9.70 11.79 19.16
N ILE A 182 -9.60 11.14 20.30
CA ILE A 182 -10.76 10.78 21.07
C ILE A 182 -10.58 11.34 22.47
N LYS A 183 -11.43 12.29 22.83
CA LYS A 183 -11.26 12.98 24.09
C LYS A 183 -11.30 11.98 25.20
N ASP A 184 -12.23 11.03 25.12
CA ASP A 184 -12.39 9.95 26.10
C ASP A 184 -11.27 8.91 26.13
N PHE A 185 -10.42 8.92 25.11
CA PHE A 185 -9.42 7.91 24.93
C PHE A 185 -8.09 8.58 24.60
N PRO A 186 -7.43 9.11 25.64
CA PRO A 186 -6.10 9.68 25.58
C PRO A 186 -5.04 8.65 25.37
N TRP A 187 -3.87 9.11 24.93
CA TRP A 187 -2.66 8.31 24.78
C TRP A 187 -1.59 9.02 25.57
N ILE A 188 -0.54 8.30 25.92
CA ILE A 188 0.60 8.82 26.64
C ILE A 188 1.83 8.23 26.01
N LEU A 189 2.99 8.69 26.42
CA LEU A 189 4.20 8.04 26.02
C LEU A 189 4.45 6.94 27.02
N ALA A 190 4.75 5.76 26.53
CA ALA A 190 5.01 4.64 27.40
C ALA A 190 6.39 4.81 27.99
N ASP A 191 6.75 3.98 28.96
CA ASP A 191 8.13 3.97 29.47
C ASP A 191 8.78 2.59 29.38
N GLU A 192 10.01 2.56 29.89
CA GLU A 192 10.81 1.37 30.14
C GLU A 192 10.04 0.19 30.74
N GLN A 193 9.29 0.45 31.80
CA GLN A 193 8.45 -0.56 32.44
C GLN A 193 7.53 -1.30 31.44
N ASP A 194 6.91 -0.56 30.54
CA ASP A 194 5.86 -1.10 29.67
C ASP A 194 6.45 -2.01 28.60
N VAL A 195 7.72 -1.79 28.28
CA VAL A 195 8.33 -2.34 27.08
C VAL A 195 9.30 -3.45 27.42
N HIS A 196 10.20 -3.22 28.37
CA HIS A 196 11.26 -4.17 28.66
C HIS A 196 10.78 -5.58 29.01
N MET A 197 11.37 -6.56 28.35
CA MET A 197 11.10 -7.96 28.61
C MET A 197 12.44 -8.63 28.85
N HIS A 198 12.44 -9.57 29.76
CA HIS A 198 13.69 -10.14 30.18
C HIS A 198 13.97 -11.40 29.42
N ASP A 199 15.11 -11.44 28.74
CA ASP A 199 15.56 -12.62 28.02
C ASP A 199 14.57 -13.09 26.92
N PRO A 200 14.33 -12.26 25.91
CA PRO A 200 13.29 -12.62 24.96
C PRO A 200 13.68 -13.71 23.99
N ARG A 201 12.69 -14.41 23.46
CA ARG A 201 12.90 -15.41 22.42
C ARG A 201 12.02 -15.14 21.21
N LEU A 202 12.55 -15.33 20.00
CA LEU A 202 11.93 -14.78 18.82
C LEU A 202 11.34 -15.88 17.97
N ILE A 203 10.05 -15.77 17.70
CA ILE A 203 9.32 -16.75 16.94
C ILE A 203 8.62 -16.06 15.79
N PRO A 204 9.28 -15.95 14.66
CA PRO A 204 8.67 -15.38 13.48
C PRO A 204 7.42 -16.12 13.08
N LEU A 205 6.41 -15.43 12.59
CA LEU A 205 5.20 -16.13 12.18
C LEU A 205 5.00 -15.95 10.72
N LYS A 206 5.17 -14.74 10.22
CA LYS A 206 4.88 -14.44 8.83
C LYS A 206 5.58 -13.16 8.40
N THR A 207 5.95 -13.13 7.14
CA THR A 207 6.53 -11.99 6.49
C THR A 207 5.84 -11.93 5.16
N MET A 208 5.47 -10.73 4.71
CA MET A 208 4.99 -10.61 3.34
C MET A 208 5.33 -9.30 2.71
N THR A 209 5.57 -9.32 1.41
CA THR A 209 5.97 -8.14 0.69
C THR A 209 5.03 -7.87 -0.47
N SER A 210 4.90 -6.60 -0.83
CA SER A 210 3.89 -6.23 -1.79
C SER A 210 4.20 -4.91 -2.44
N ASP A 211 3.37 -4.57 -3.42
CA ASP A 211 3.35 -3.30 -4.12
C ASP A 211 3.99 -2.15 -3.35
N ILE A 212 3.47 -1.93 -2.14
CA ILE A 212 3.70 -0.72 -1.35
C ILE A 212 4.02 -0.89 0.12
N LEU A 213 3.91 -2.13 0.60
CA LEU A 213 3.90 -2.44 2.02
C LEU A 213 4.52 -3.80 2.30
N LYS A 214 5.47 -3.83 3.23
CA LYS A 214 6.02 -5.06 3.72
C LYS A 214 5.63 -5.14 5.15
N MET A 215 5.05 -6.24 5.54
CA MET A 215 4.75 -6.40 6.94
C MET A 215 5.21 -7.78 7.42
N GLN A 216 5.66 -7.79 8.66
CA GLN A 216 6.26 -8.93 9.30
C GLN A 216 5.56 -9.10 10.62
N LEU A 217 5.10 -10.29 10.93
CA LEU A 217 4.61 -10.57 12.28
C LEU A 217 5.54 -11.50 13.01
N TYR A 218 5.82 -11.18 14.27
CA TYR A 218 6.63 -12.07 15.06
C TYR A 218 6.42 -11.94 16.51
N VAL A 219 6.73 -13.00 17.21
CA VAL A 219 6.52 -13.05 18.62
C VAL A 219 7.84 -13.06 19.36
N GLU A 220 7.89 -12.24 20.37
CA GLU A 220 8.92 -12.29 21.36
C GLU A 220 8.25 -12.81 22.62
N GLU A 221 8.71 -13.94 23.12
CA GLU A 221 8.21 -14.42 24.38
C GLU A 221 9.29 -14.40 25.44
N ARG A 222 8.88 -14.35 26.69
CA ARG A 222 9.81 -14.35 27.82
C ARG A 222 10.34 -15.75 28.13
N ALA A 223 11.64 -15.85 28.35
CA ALA A 223 12.34 -17.14 28.47
C ALA A 223 11.85 -18.08 29.57
N HIS A 224 11.32 -17.56 30.67
CA HIS A 224 10.64 -18.44 31.64
C HIS A 224 9.36 -17.77 32.08
N LYS A 225 8.24 -18.36 31.66
CA LYS A 225 6.94 -17.72 31.80
C LYS A 225 5.89 -18.70 32.31
N ASN B 26 -23.91 -1.61 -31.77
CA ASN B 26 -23.83 -0.71 -30.58
C ASN B 26 -22.38 -0.45 -30.11
N PHE B 27 -21.46 -0.28 -31.06
CA PHE B 27 -20.01 -0.08 -30.77
C PHE B 27 -19.72 0.77 -29.51
N GLY B 28 -19.91 2.08 -29.61
CA GLY B 28 -19.73 2.99 -28.49
C GLY B 28 -20.92 3.05 -27.54
N GLN B 29 -21.93 2.21 -27.71
CA GLN B 29 -23.05 2.28 -26.79
C GLN B 29 -22.84 1.42 -25.57
N VAL B 30 -22.13 0.32 -25.75
CA VAL B 30 -21.78 -0.53 -24.63
C VAL B 30 -20.63 0.09 -23.85
N VAL B 31 -19.69 0.68 -24.59
CA VAL B 31 -18.62 1.49 -24.01
C VAL B 31 -19.19 2.53 -23.04
N ALA B 32 -20.25 3.18 -23.47
CA ALA B 32 -20.95 4.15 -22.64
C ALA B 32 -21.30 3.59 -21.26
N ASP B 33 -21.96 2.43 -21.23
CA ASP B 33 -22.39 1.82 -19.94
C ASP B 33 -21.21 1.38 -19.08
N VAL B 34 -20.17 0.91 -19.74
CA VAL B 34 -18.95 0.59 -19.06
C VAL B 34 -18.48 1.87 -18.37
N LEU B 35 -17.99 2.82 -19.16
CA LEU B 35 -17.39 4.01 -18.59
C LEU B 35 -18.23 4.64 -17.49
N CYS B 36 -19.55 4.68 -17.68
CA CYS B 36 -20.36 5.36 -16.67
C CYS B 36 -20.29 4.68 -15.33
N GLU B 37 -20.46 3.36 -15.33
CA GLU B 37 -20.35 2.53 -14.12
C GLU B 37 -18.97 2.72 -13.46
N PHE B 38 -17.93 2.71 -14.29
CA PHE B 38 -16.58 2.98 -13.83
C PHE B 38 -16.48 4.35 -13.19
N LEU B 39 -16.70 5.38 -13.99
CA LEU B 39 -16.60 6.72 -13.47
C LEU B 39 -17.38 6.93 -12.18
N GLU B 40 -18.52 6.25 -12.06
CA GLU B 40 -19.27 6.35 -10.82
C GLU B 40 -18.36 5.93 -9.67
N VAL B 41 -17.82 4.72 -9.81
CA VAL B 41 -17.04 4.13 -8.75
C VAL B 41 -15.80 4.96 -8.61
N ALA B 42 -15.29 5.42 -9.73
CA ALA B 42 -14.16 6.33 -9.65
C ALA B 42 -14.53 7.58 -8.83
N VAL B 43 -15.77 8.05 -8.91
CA VAL B 43 -16.07 9.36 -8.35
C VAL B 43 -16.23 9.21 -6.85
N HIS B 44 -16.84 8.11 -6.44
CA HIS B 44 -16.98 7.79 -5.01
C HIS B 44 -15.60 7.71 -4.37
N LEU B 45 -14.74 6.93 -5.03
CA LEU B 45 -13.39 6.73 -4.56
C LEU B 45 -12.62 8.02 -4.42
N ILE B 46 -12.53 8.82 -5.47
CA ILE B 46 -11.83 10.11 -5.39
C ILE B 46 -12.29 10.91 -4.18
N LEU B 47 -13.60 10.97 -3.98
CA LEU B 47 -14.16 11.74 -2.87
C LEU B 47 -13.66 11.26 -1.50
N TYR B 48 -13.67 9.94 -1.32
CA TYR B 48 -13.07 9.28 -0.16
C TYR B 48 -11.62 9.67 0.05
N VAL B 49 -10.81 9.40 -0.95
CA VAL B 49 -9.37 9.51 -0.78
C VAL B 49 -8.95 10.96 -0.83
N ARG B 50 -9.83 11.87 -1.22
CA ARG B 50 -9.54 13.30 -1.03
C ARG B 50 -10.29 13.88 0.17
N GLU B 51 -11.00 13.02 0.91
CA GLU B 51 -11.60 13.39 2.19
C GLU B 51 -12.52 14.58 2.00
N VAL B 52 -13.34 14.49 0.96
CA VAL B 52 -14.21 15.58 0.56
C VAL B 52 -15.48 15.48 1.39
N TYR B 53 -15.96 14.25 1.56
CA TYR B 53 -17.03 13.96 2.50
C TYR B 53 -16.43 13.07 3.58
N PRO B 54 -16.86 13.28 4.84
CA PRO B 54 -16.26 12.54 5.94
C PRO B 54 -16.38 11.03 5.73
N VAL B 55 -15.34 10.34 6.18
CA VAL B 55 -15.23 8.88 6.04
C VAL B 55 -16.46 8.18 6.61
N GLY B 56 -17.03 8.76 7.67
CA GLY B 56 -18.25 8.25 8.27
C GLY B 56 -19.22 7.68 7.26
N ILE B 57 -19.66 8.54 6.32
CA ILE B 57 -20.78 8.21 5.40
C ILE B 57 -20.47 7.11 4.36
N PHE B 58 -19.18 6.78 4.23
CA PHE B 58 -18.67 5.78 3.30
C PHE B 58 -18.57 4.37 3.86
N GLN B 59 -18.83 3.41 2.98
CA GLN B 59 -18.80 1.99 3.31
C GLN B 59 -18.06 1.21 2.21
N LYS B 60 -17.10 0.37 2.59
CA LYS B 60 -16.40 -0.48 1.61
C LYS B 60 -17.34 -1.39 0.84
N ARG B 61 -16.99 -1.61 -0.41
CA ARG B 61 -17.69 -2.57 -1.26
C ARG B 61 -16.58 -3.03 -2.19
N LYS B 62 -16.90 -3.93 -3.10
CA LYS B 62 -15.87 -4.61 -3.87
C LYS B 62 -16.26 -4.68 -5.34
N LYS B 63 -15.55 -3.91 -6.18
CA LYS B 63 -15.90 -3.76 -7.59
C LYS B 63 -14.67 -4.04 -8.45
N TYR B 64 -14.87 -4.56 -9.67
CA TYR B 64 -13.78 -4.96 -10.57
C TYR B 64 -12.79 -5.82 -9.81
N ASN B 65 -13.35 -6.65 -8.92
CA ASN B 65 -12.56 -7.48 -8.05
C ASN B 65 -11.63 -6.70 -7.13
N VAL B 66 -11.96 -5.46 -6.78
CA VAL B 66 -11.16 -4.69 -5.83
C VAL B 66 -11.96 -3.86 -4.81
N PRO B 67 -11.33 -3.58 -3.66
CA PRO B 67 -12.01 -2.84 -2.62
C PRO B 67 -12.16 -1.38 -3.00
N VAL B 68 -13.39 -0.89 -2.98
CA VAL B 68 -13.64 0.52 -3.16
C VAL B 68 -14.39 1.00 -1.93
N GLN B 69 -14.54 2.31 -1.84
CA GLN B 69 -15.41 2.94 -0.88
C GLN B 69 -16.59 3.51 -1.65
N MET B 70 -17.79 3.24 -1.15
CA MET B 70 -18.99 3.82 -1.70
C MET B 70 -19.77 4.53 -0.58
N SER B 71 -20.53 5.55 -0.97
CA SER B 71 -21.24 6.45 -0.05
C SER B 71 -22.66 5.95 0.24
N CYS B 72 -23.16 6.31 1.41
CA CYS B 72 -24.52 5.96 1.84
C CYS B 72 -25.50 7.10 1.60
N HIS B 73 -25.04 8.33 1.81
CA HIS B 73 -25.91 9.50 1.73
C HIS B 73 -26.63 9.50 0.39
N PRO B 74 -27.93 9.16 0.40
CA PRO B 74 -28.58 8.88 -0.88
C PRO B 74 -28.73 10.16 -1.72
N GLU B 75 -28.69 11.32 -1.07
CA GLU B 75 -28.73 12.55 -1.80
C GLU B 75 -27.44 12.66 -2.62
N LEU B 76 -26.31 12.45 -1.97
CA LEU B 76 -25.01 12.50 -2.66
C LEU B 76 -24.89 11.42 -3.69
N ASN B 77 -25.38 10.22 -3.35
CA ASN B 77 -25.38 9.12 -4.31
C ASN B 77 -26.11 9.59 -5.55
N GLN B 78 -27.28 10.20 -5.31
CA GLN B 78 -28.11 10.78 -6.37
C GLN B 78 -27.37 11.79 -7.25
N TYR B 79 -26.92 12.89 -6.67
CA TYR B 79 -26.14 13.87 -7.41
C TYR B 79 -25.21 13.19 -8.40
N ILE B 80 -24.57 12.12 -7.97
CA ILE B 80 -23.54 11.47 -8.75
C ILE B 80 -24.15 10.68 -9.87
N GLN B 81 -25.18 9.91 -9.53
CA GLN B 81 -25.84 9.03 -10.49
C GLN B 81 -26.50 9.85 -11.57
N ASP B 82 -27.08 10.99 -11.19
CA ASP B 82 -27.61 11.94 -12.17
C ASP B 82 -26.50 12.41 -13.11
N THR B 83 -25.57 13.22 -12.58
CA THR B 83 -24.46 13.70 -13.38
C THR B 83 -24.05 12.71 -14.45
N LEU B 84 -23.88 11.46 -14.05
CA LEU B 84 -23.36 10.48 -14.96
C LEU B 84 -24.43 10.02 -15.93
N HIS B 85 -25.65 9.86 -15.43
CA HIS B 85 -26.80 9.59 -16.31
C HIS B 85 -26.82 10.53 -17.53
N CYS B 86 -26.47 11.81 -17.32
CA CYS B 86 -26.44 12.83 -18.37
C CYS B 86 -25.23 12.81 -19.32
N VAL B 87 -24.12 12.18 -18.90
CA VAL B 87 -22.91 12.16 -19.73
C VAL B 87 -22.92 10.95 -20.66
N LYS B 88 -23.77 9.98 -20.34
CA LYS B 88 -23.79 8.75 -21.10
C LYS B 88 -24.00 8.95 -22.61
N PRO B 89 -25.04 9.71 -22.99
CA PRO B 89 -25.39 9.80 -24.43
C PRO B 89 -24.32 10.49 -25.21
N LEU B 90 -23.61 11.40 -24.56
CA LEU B 90 -22.45 12.02 -25.20
C LEU B 90 -21.34 11.00 -25.37
N LEU B 91 -21.23 10.09 -24.38
CA LEU B 91 -20.30 8.98 -24.49
C LEU B 91 -20.61 8.10 -25.72
N GLU B 92 -21.87 7.68 -25.87
CA GLU B 92 -22.28 6.86 -27.02
C GLU B 92 -21.69 7.32 -28.35
N LYS B 93 -21.85 8.60 -28.66
CA LYS B 93 -21.36 9.13 -29.94
C LYS B 93 -19.89 9.62 -29.85
N ASN B 94 -19.13 9.16 -28.86
CA ASN B 94 -17.72 9.52 -28.72
C ASN B 94 -17.51 11.04 -28.75
N ASP B 95 -18.43 11.74 -28.10
CA ASP B 95 -18.46 13.21 -28.09
C ASP B 95 -17.67 13.90 -26.95
N VAL B 96 -17.27 13.12 -25.93
CA VAL B 96 -16.52 13.63 -24.79
C VAL B 96 -15.03 13.34 -24.99
N GLU B 97 -14.22 14.33 -24.69
CA GLU B 97 -12.78 14.21 -24.78
C GLU B 97 -12.15 13.91 -23.37
N LYS B 98 -12.79 14.45 -22.32
CA LYS B 98 -12.35 14.37 -20.93
C LYS B 98 -13.58 14.34 -20.04
N VAL B 99 -13.57 13.52 -18.98
CA VAL B 99 -14.45 13.80 -17.82
C VAL B 99 -13.58 14.20 -16.63
N VAL B 100 -13.85 15.34 -16.02
CA VAL B 100 -12.92 15.84 -15.00
C VAL B 100 -13.59 16.03 -13.67
N VAL B 101 -13.02 15.41 -12.63
CA VAL B 101 -13.51 15.62 -11.27
C VAL B 101 -12.65 16.70 -10.66
N VAL B 102 -13.29 17.83 -10.39
CA VAL B 102 -12.61 19.03 -9.96
C VAL B 102 -12.93 19.29 -8.51
N ILE B 103 -11.87 19.40 -7.73
CA ILE B 103 -11.94 19.75 -6.33
C ILE B 103 -11.65 21.24 -6.15
N LEU B 104 -12.53 21.92 -5.42
CA LEU B 104 -12.51 23.38 -5.27
C LEU B 104 -12.38 23.72 -3.80
N ASP B 105 -11.53 24.69 -3.48
CA ASP B 105 -11.29 25.07 -2.08
C ASP B 105 -12.49 25.82 -1.44
N LYS B 106 -12.26 26.46 -0.30
CA LYS B 106 -13.31 27.22 0.40
C LYS B 106 -13.75 28.41 -0.45
N GLU B 107 -12.80 29.13 -1.02
CA GLU B 107 -13.09 30.27 -1.88
C GLU B 107 -13.41 29.84 -3.32
N HIS B 108 -13.88 28.61 -3.51
CA HIS B 108 -14.28 28.11 -4.84
C HIS B 108 -13.25 28.22 -5.99
N ARG B 109 -11.98 28.36 -5.65
CA ARG B 109 -10.87 28.15 -6.59
C ARG B 109 -10.53 26.65 -6.72
N PRO B 110 -10.21 26.16 -7.94
CA PRO B 110 -9.75 24.77 -8.10
C PRO B 110 -8.39 24.52 -7.46
N VAL B 111 -8.27 23.42 -6.73
CA VAL B 111 -6.97 22.98 -6.18
C VAL B 111 -6.49 21.68 -6.81
N GLU B 112 -7.42 20.80 -7.17
CA GLU B 112 -7.03 19.49 -7.68
C GLU B 112 -7.96 19.01 -8.79
N LYS B 113 -7.38 18.34 -9.78
CA LYS B 113 -8.17 17.85 -10.89
C LYS B 113 -7.81 16.43 -11.28
N PHE B 114 -8.84 15.60 -11.32
CA PHE B 114 -8.71 14.26 -11.85
C PHE B 114 -9.32 14.16 -13.26
N VAL B 115 -8.42 14.21 -14.24
CA VAL B 115 -8.79 14.20 -15.64
C VAL B 115 -8.81 12.79 -16.18
N PHE B 116 -9.98 12.31 -16.57
CA PHE B 116 -10.06 11.08 -17.30
C PHE B 116 -10.12 11.45 -18.79
N GLU B 117 -8.98 11.38 -19.46
CA GLU B 117 -8.84 11.65 -20.89
C GLU B 117 -9.41 10.48 -21.67
N ILE B 118 -10.41 10.73 -22.49
CA ILE B 118 -11.02 9.67 -23.29
C ILE B 118 -10.57 9.85 -24.75
N THR B 119 -10.47 8.71 -25.44
CA THR B 119 -9.95 8.60 -26.80
C THR B 119 -10.28 7.19 -27.30
N GLN B 120 -11.49 6.99 -27.82
CA GLN B 120 -11.96 5.64 -28.20
C GLN B 120 -11.25 4.99 -29.41
N SER B 130 -10.94 -12.59 -26.92
CA SER B 130 -10.75 -12.69 -25.47
C SER B 130 -10.28 -11.34 -24.92
N LEU B 131 -10.68 -10.27 -25.59
CA LEU B 131 -10.27 -8.91 -25.24
C LEU B 131 -11.32 -8.18 -24.37
N LEU B 132 -12.52 -8.74 -24.28
CA LEU B 132 -13.59 -8.14 -23.48
C LEU B 132 -13.54 -8.55 -22.03
N SER B 133 -12.72 -9.55 -21.74
CA SER B 133 -12.37 -9.92 -20.37
C SER B 133 -11.24 -9.00 -19.85
N HIS B 134 -10.23 -8.83 -20.70
CA HIS B 134 -9.10 -7.87 -20.56
C HIS B 134 -9.48 -6.47 -20.03
N VAL B 135 -10.77 -6.14 -20.03
CA VAL B 135 -11.24 -4.83 -19.65
C VAL B 135 -11.43 -4.73 -18.12
N GLU B 136 -12.13 -5.70 -17.54
CA GLU B 136 -12.30 -5.76 -16.08
C GLU B 136 -11.00 -5.51 -15.31
N GLN B 137 -9.96 -6.23 -15.71
CA GLN B 137 -8.66 -6.13 -15.06
C GLN B 137 -7.93 -4.85 -15.45
N LEU B 138 -8.29 -4.25 -16.58
CA LEU B 138 -7.74 -2.94 -16.98
C LEU B 138 -8.44 -1.73 -16.32
N LEU B 139 -9.64 -1.92 -15.83
CA LEU B 139 -10.34 -0.87 -15.15
C LEU B 139 -9.98 -0.84 -13.69
N ALA B 140 -9.79 -2.04 -13.14
CA ALA B 140 -9.33 -2.23 -11.77
C ALA B 140 -8.07 -1.45 -11.52
N ALA B 141 -7.08 -1.62 -12.37
CA ALA B 141 -5.85 -0.85 -12.23
C ALA B 141 -6.04 0.66 -11.95
N PHE B 142 -7.03 1.28 -12.60
CA PHE B 142 -7.31 2.70 -12.36
C PHE B 142 -7.74 2.93 -10.91
N ILE B 143 -8.56 2.00 -10.42
CA ILE B 143 -9.03 1.97 -9.05
C ILE B 143 -7.86 1.86 -8.07
N LEU B 144 -7.04 0.85 -8.27
CA LEU B 144 -5.86 0.58 -7.47
C LEU B 144 -5.01 1.82 -7.38
N LYS B 145 -4.72 2.40 -8.54
CA LYS B 145 -3.95 3.63 -8.61
C LYS B 145 -4.68 4.80 -7.90
N ILE B 146 -5.99 4.86 -8.01
CA ILE B 146 -6.72 5.90 -7.31
C ILE B 146 -6.56 5.71 -5.82
N SER B 147 -7.04 4.56 -5.32
CA SER B 147 -6.93 4.19 -3.89
C SER B 147 -5.71 4.70 -3.11
N VAL B 148 -4.57 4.78 -3.79
CA VAL B 148 -3.35 5.12 -3.11
C VAL B 148 -2.92 6.56 -3.38
N CYS B 149 -3.46 7.15 -4.45
CA CYS B 149 -2.94 8.39 -5.00
C CYS B 149 -2.74 9.50 -3.99
N ASP B 150 -3.52 9.49 -2.92
CA ASP B 150 -3.31 10.43 -1.80
C ASP B 150 -1.94 10.27 -1.11
N ALA B 151 -1.23 9.18 -1.43
CA ALA B 151 0.17 8.99 -1.05
C ALA B 151 1.19 9.89 -1.75
N VAL B 152 0.78 10.66 -2.75
CA VAL B 152 1.68 11.56 -3.49
C VAL B 152 1.09 12.96 -3.68
N LEU B 153 -0.13 13.15 -3.22
CA LEU B 153 -0.81 14.41 -3.39
C LEU B 153 -0.82 15.10 -2.05
N ASP B 154 -0.45 16.38 -2.06
CA ASP B 154 -0.46 17.21 -0.84
C ASP B 154 -1.88 17.30 -0.30
N HIS B 155 -2.00 17.46 1.01
CA HIS B 155 -3.31 17.39 1.69
C HIS B 155 -4.18 18.51 1.19
N ASN B 156 -5.47 18.26 0.99
CA ASN B 156 -6.35 19.35 0.52
C ASN B 156 -6.77 20.25 1.68
N PRO B 157 -6.77 21.59 1.47
CA PRO B 157 -7.34 22.45 2.53
C PRO B 157 -8.78 22.06 2.83
N PRO B 158 -9.24 22.37 4.06
CA PRO B 158 -10.53 21.80 4.42
C PRO B 158 -11.69 22.65 3.90
N GLY B 159 -12.90 22.13 4.06
CA GLY B 159 -14.09 22.77 3.48
C GLY B 159 -14.10 22.67 1.96
N CYS B 160 -13.41 21.66 1.45
CA CYS B 160 -13.40 21.44 0.03
C CYS B 160 -14.68 20.77 -0.41
N THR B 161 -15.13 21.18 -1.58
CA THR B 161 -16.14 20.45 -2.36
C THR B 161 -15.68 20.28 -3.82
N PHE B 162 -16.44 19.47 -4.54
CA PHE B 162 -16.08 19.08 -5.89
C PHE B 162 -17.13 19.42 -6.94
N THR B 163 -16.73 19.22 -8.19
CA THR B 163 -17.68 19.23 -9.27
C THR B 163 -17.17 18.31 -10.33
N VAL B 164 -18.00 18.11 -11.35
CA VAL B 164 -17.61 17.37 -12.52
C VAL B 164 -17.66 18.30 -13.71
N LEU B 165 -16.69 18.18 -14.60
CA LEU B 165 -16.67 18.93 -15.84
C LEU B 165 -16.58 17.94 -16.98
N VAL B 166 -17.17 18.31 -18.09
CA VAL B 166 -17.15 17.52 -19.30
C VAL B 166 -16.62 18.43 -20.39
N HIS B 167 -15.43 18.12 -20.90
CA HIS B 167 -14.92 18.81 -22.07
C HIS B 167 -15.50 18.01 -23.19
N THR B 168 -16.14 18.68 -24.15
CA THR B 168 -16.70 18.00 -25.34
C THR B 168 -15.78 18.17 -26.56
N ARG B 169 -15.69 17.12 -27.37
CA ARG B 169 -14.83 17.11 -28.58
C ARG B 169 -14.92 18.42 -29.39
N GLU B 170 -16.08 18.68 -29.98
CA GLU B 170 -16.32 20.00 -30.59
C GLU B 170 -17.40 20.75 -29.79
N ALA B 171 -17.39 22.07 -29.89
CA ALA B 171 -18.47 22.91 -29.36
C ALA B 171 -19.69 22.69 -30.25
N ALA B 172 -20.71 22.04 -29.71
CA ALA B 172 -21.83 21.60 -30.54
C ALA B 172 -23.14 21.50 -29.76
N THR B 173 -24.18 22.05 -30.36
CA THR B 173 -25.51 22.14 -29.77
C THR B 173 -26.06 20.78 -29.39
N ARG B 174 -25.77 19.75 -30.18
CA ARG B 174 -26.23 18.38 -29.87
C ARG B 174 -25.83 18.01 -28.42
N ASN B 175 -24.55 18.26 -28.10
CA ASN B 175 -24.04 18.10 -26.75
C ASN B 175 -25.09 18.57 -25.74
N MET B 176 -25.45 19.84 -25.79
CA MET B 176 -26.44 20.43 -24.87
C MET B 176 -27.82 19.79 -24.93
N GLU B 177 -28.29 19.46 -26.14
CA GLU B 177 -29.64 18.90 -26.30
C GLU B 177 -29.73 17.52 -25.62
N LYS B 178 -28.67 16.73 -25.76
CA LYS B 178 -28.59 15.39 -25.17
C LYS B 178 -28.35 15.40 -23.66
N ILE B 179 -27.49 16.31 -23.20
CA ILE B 179 -27.09 16.37 -21.79
C ILE B 179 -28.19 16.85 -20.87
N GLN B 180 -29.17 17.57 -21.39
CA GLN B 180 -30.16 18.24 -20.55
C GLN B 180 -31.32 17.33 -20.08
N VAL B 181 -31.14 16.01 -20.16
CA VAL B 181 -32.28 15.09 -20.26
C VAL B 181 -32.84 14.61 -18.91
N ILE B 182 -32.28 15.10 -17.80
CA ILE B 182 -32.99 15.05 -16.52
C ILE B 182 -33.30 16.50 -16.20
N LYS B 183 -34.58 16.80 -16.05
CA LYS B 183 -35.04 18.19 -16.04
C LYS B 183 -34.80 18.86 -14.72
N ASP B 184 -34.94 18.08 -13.64
CA ASP B 184 -34.54 18.55 -12.31
C ASP B 184 -33.06 18.90 -12.28
N PHE B 185 -32.28 18.27 -13.17
CA PHE B 185 -30.83 18.33 -13.12
C PHE B 185 -30.30 18.96 -14.44
N PRO B 186 -30.23 20.30 -14.46
CA PRO B 186 -29.70 20.96 -15.63
C PRO B 186 -28.20 21.14 -15.58
N TRP B 187 -27.64 21.41 -16.76
CA TRP B 187 -26.25 21.74 -16.92
C TRP B 187 -26.12 23.12 -17.53
N ILE B 188 -24.95 23.71 -17.37
CA ILE B 188 -24.67 25.01 -17.95
C ILE B 188 -23.34 24.98 -18.68
N LEU B 189 -22.97 26.10 -19.28
CA LEU B 189 -21.64 26.17 -19.83
C LEU B 189 -20.74 26.73 -18.75
N ALA B 190 -19.51 26.22 -18.73
CA ALA B 190 -18.52 26.65 -17.76
C ALA B 190 -17.61 27.71 -18.38
N ASP B 191 -16.88 28.38 -17.50
CA ASP B 191 -16.04 29.53 -17.84
C ASP B 191 -14.66 29.32 -17.25
N GLU B 192 -13.75 30.27 -17.50
CA GLU B 192 -12.38 30.20 -17.01
C GLU B 192 -12.33 29.88 -15.51
N GLN B 193 -13.24 30.44 -14.71
CA GLN B 193 -13.11 30.32 -13.24
C GLN B 193 -13.15 28.87 -12.72
N ASP B 194 -13.92 28.01 -13.40
CA ASP B 194 -13.99 26.57 -13.05
C ASP B 194 -12.75 25.74 -13.48
N VAL B 195 -11.98 26.30 -14.42
CA VAL B 195 -10.90 25.60 -15.12
C VAL B 195 -9.52 26.14 -14.73
N HIS B 196 -9.40 27.42 -14.42
CA HIS B 196 -8.09 27.97 -14.10
C HIS B 196 -7.51 27.43 -12.79
N MET B 197 -6.21 27.18 -12.83
CA MET B 197 -5.44 26.67 -11.72
C MET B 197 -4.01 27.16 -11.93
N HIS B 198 -3.45 27.87 -10.97
CA HIS B 198 -2.15 28.52 -11.18
C HIS B 198 -0.98 27.53 -11.09
N ASP B 199 -0.17 27.51 -12.15
CA ASP B 199 1.03 26.67 -12.27
C ASP B 199 0.81 25.29 -11.62
N PRO B 200 -0.02 24.45 -12.25
CA PRO B 200 -0.39 23.17 -11.70
C PRO B 200 0.74 22.16 -11.82
N ARG B 201 0.75 21.13 -10.97
CA ARG B 201 1.63 19.98 -11.11
C ARG B 201 0.85 18.75 -11.62
N LEU B 202 1.58 17.82 -12.21
CA LEU B 202 0.97 16.75 -12.96
C LEU B 202 1.42 15.39 -12.43
N ILE B 203 0.48 14.60 -11.93
CA ILE B 203 0.75 13.28 -11.39
C ILE B 203 0.00 12.24 -12.21
N PRO B 204 0.69 11.67 -13.21
CA PRO B 204 0.14 10.61 -14.05
C PRO B 204 -0.22 9.41 -13.22
N LEU B 205 -1.37 8.81 -13.48
CA LEU B 205 -1.78 7.71 -12.66
C LEU B 205 -1.80 6.41 -13.41
N LYS B 206 -2.51 6.38 -14.53
CA LYS B 206 -2.77 5.11 -15.20
C LYS B 206 -3.28 5.31 -16.63
N THR B 207 -2.73 4.51 -17.54
CA THR B 207 -3.08 4.53 -18.95
C THR B 207 -3.30 3.11 -19.46
N MET B 208 -4.48 2.87 -20.04
CA MET B 208 -4.76 1.62 -20.79
C MET B 208 -4.75 1.91 -22.29
N THR B 209 -4.76 0.83 -23.08
CA THR B 209 -4.90 0.88 -24.54
C THR B 209 -5.46 -0.45 -25.02
N SER B 210 -6.78 -0.58 -24.95
CA SER B 210 -7.46 -1.81 -25.35
C SER B 210 -8.23 -1.62 -26.67
N ASP B 211 -8.67 -2.73 -27.24
CA ASP B 211 -9.39 -2.74 -28.51
C ASP B 211 -10.40 -1.59 -28.52
N ILE B 212 -11.40 -1.76 -27.67
CA ILE B 212 -12.57 -0.90 -27.64
C ILE B 212 -12.22 0.54 -27.28
N LEU B 213 -11.58 0.69 -26.12
CA LEU B 213 -11.39 2.00 -25.48
C LEU B 213 -9.96 2.29 -25.08
N LYS B 214 -9.57 3.56 -25.10
CA LYS B 214 -8.25 3.94 -24.63
C LYS B 214 -8.30 5.16 -23.71
N MET B 215 -8.09 4.92 -22.42
CA MET B 215 -8.27 5.95 -21.39
C MET B 215 -6.97 6.35 -20.69
N GLN B 216 -7.02 7.51 -20.05
CA GLN B 216 -5.85 8.09 -19.42
C GLN B 216 -6.27 8.96 -18.23
N LEU B 217 -5.82 8.59 -17.03
CA LEU B 217 -6.11 9.34 -15.82
C LEU B 217 -4.84 9.98 -15.37
N TYR B 218 -4.91 11.27 -15.07
CA TYR B 218 -3.79 12.01 -14.47
C TYR B 218 -4.33 13.14 -13.61
N VAL B 219 -3.48 13.59 -12.70
CA VAL B 219 -3.97 14.50 -11.72
C VAL B 219 -3.24 15.77 -11.90
N GLU B 220 -3.99 16.86 -11.85
CA GLU B 220 -3.39 18.16 -11.79
C GLU B 220 -3.69 18.77 -10.44
N GLU B 221 -2.68 19.43 -9.87
CA GLU B 221 -2.74 19.98 -8.52
C GLU B 221 -1.79 21.15 -8.43
N ARG B 222 -2.13 22.18 -7.66
CA ARG B 222 -1.27 23.38 -7.60
C ARG B 222 -0.24 23.28 -6.49
N ALA B 223 0.67 24.25 -6.38
CA ALA B 223 1.52 24.34 -5.19
C ALA B 223 0.79 25.23 -4.16
N HIS B 224 0.83 24.82 -2.89
CA HIS B 224 0.06 25.45 -1.79
C HIS B 224 -0.12 24.45 -0.62
N THR C 28 10.28 4.93 25.86
CA THR C 28 11.10 6.01 25.21
C THR C 28 10.20 6.95 24.35
N ALA C 29 10.86 7.91 23.68
CA ALA C 29 10.21 9.11 23.13
C ALA C 29 9.22 8.88 22.02
N ASN C 30 9.40 7.75 21.34
CA ASN C 30 8.62 7.40 20.17
C ASN C 30 7.78 6.14 20.38
N ILE C 31 7.38 5.84 21.61
CA ILE C 31 6.43 4.77 21.88
C ILE C 31 5.27 5.34 22.64
N LEU C 32 4.07 5.09 22.13
CA LEU C 32 2.80 5.61 22.64
C LEU C 32 1.84 4.51 23.04
N LYS C 33 1.07 4.74 24.08
CA LYS C 33 0.08 3.79 24.43
C LYS C 33 -1.08 4.43 25.09
N PRO C 34 -2.25 3.80 25.01
CA PRO C 34 -3.42 4.40 25.59
C PRO C 34 -3.26 4.55 27.07
N LEU C 35 -3.87 5.59 27.63
CA LEU C 35 -3.96 5.77 29.06
C LEU C 35 -4.84 4.71 29.70
N MET C 36 -6.01 4.49 29.13
CA MET C 36 -6.98 3.48 29.59
C MET C 36 -6.50 2.03 29.48
N SER C 37 -6.50 1.29 30.58
CA SER C 37 -6.28 -0.15 30.55
C SER C 37 -7.54 -0.85 30.10
N PRO C 38 -7.42 -1.96 29.37
CA PRO C 38 -8.60 -2.59 28.84
C PRO C 38 -9.39 -3.27 29.94
N PRO C 39 -10.67 -3.60 29.68
CA PRO C 39 -11.42 -4.29 30.72
C PRO C 39 -10.69 -5.56 31.15
N SER C 40 -10.50 -5.75 32.45
CA SER C 40 -9.78 -6.91 32.96
C SER C 40 -10.67 -8.12 32.79
N ARG C 41 -10.23 -9.26 33.34
CA ARG C 41 -10.96 -10.52 33.26
C ARG C 41 -12.23 -10.46 34.12
N GLU C 42 -12.14 -9.81 35.27
CA GLU C 42 -13.28 -9.75 36.21
C GLU C 42 -14.42 -8.99 35.56
N GLU C 43 -14.21 -7.70 35.35
CA GLU C 43 -15.17 -6.81 34.69
C GLU C 43 -15.75 -7.43 33.40
N ILE C 44 -15.13 -8.50 32.92
CA ILE C 44 -15.74 -9.30 31.85
C ILE C 44 -16.79 -10.26 32.39
N MET C 45 -16.37 -11.21 33.23
CA MET C 45 -17.22 -12.33 33.73
C MET C 45 -18.75 -12.10 33.59
N ALA C 46 -19.16 -10.89 33.96
CA ALA C 46 -20.54 -10.50 34.04
C ALA C 46 -20.89 -9.42 33.01
N THR C 47 -21.19 -9.82 31.76
CA THR C 47 -21.97 -8.95 30.84
C THR C 47 -22.68 -9.76 29.74
N THR D 28 -14.47 27.90 -21.43
CA THR D 28 -14.47 28.23 -22.84
C THR D 28 -15.49 27.40 -23.61
N ALA D 29 -15.34 27.33 -24.92
CA ALA D 29 -16.42 26.90 -25.81
C ALA D 29 -17.20 25.63 -25.42
N ASN D 30 -16.42 24.60 -25.05
CA ASN D 30 -16.87 23.20 -25.11
C ASN D 30 -16.91 22.45 -23.77
N ILE D 31 -17.09 23.18 -22.68
CA ILE D 31 -17.09 22.57 -21.36
C ILE D 31 -18.46 22.63 -20.69
N LEU D 32 -18.98 21.50 -20.26
CA LEU D 32 -20.24 21.50 -19.53
C LEU D 32 -20.06 21.22 -18.04
N LYS D 33 -21.02 21.64 -17.23
CA LYS D 33 -20.97 21.36 -15.81
C LYS D 33 -22.37 21.44 -15.23
N PRO D 34 -22.74 20.49 -14.34
CA PRO D 34 -24.07 20.61 -13.77
C PRO D 34 -24.16 21.87 -12.94
N LEU D 35 -25.34 22.46 -12.97
CA LEU D 35 -25.60 23.71 -12.26
C LEU D 35 -25.56 23.51 -10.73
N MET D 36 -26.28 22.46 -10.33
CA MET D 36 -26.49 22.12 -8.95
C MET D 36 -25.15 21.89 -8.26
N SER D 37 -24.96 22.42 -7.05
CA SER D 37 -23.87 21.99 -6.20
C SER D 37 -24.25 20.67 -5.60
N PRO D 38 -23.29 19.75 -5.51
CA PRO D 38 -23.58 18.54 -4.75
C PRO D 38 -23.71 18.92 -3.29
N PRO D 39 -24.36 18.05 -2.50
CA PRO D 39 -24.59 18.24 -1.07
C PRO D 39 -23.37 18.81 -0.40
N SER D 40 -23.55 19.82 0.45
CA SER D 40 -22.43 20.46 1.11
C SER D 40 -21.93 19.54 2.20
N ARG D 41 -20.71 19.80 2.68
CA ARG D 41 -20.11 19.02 3.75
C ARG D 41 -21.11 18.92 4.93
N GLU D 42 -21.34 20.09 5.55
CA GLU D 42 -22.23 20.33 6.69
C GLU D 42 -23.59 19.62 6.58
N GLU D 43 -24.29 19.85 5.47
CA GLU D 43 -25.59 19.20 5.16
C GLU D 43 -25.66 17.73 5.58
N ILE D 44 -24.52 17.06 5.46
CA ILE D 44 -24.41 15.64 5.75
C ILE D 44 -23.83 15.43 7.15
N MET D 45 -22.93 16.32 7.58
CA MET D 45 -22.51 16.40 9.00
C MET D 45 -23.71 16.63 9.93
N ALA D 46 -24.92 16.32 9.45
CA ALA D 46 -26.11 16.26 10.29
C ALA D 46 -27.17 15.26 9.74
N THR D 47 -26.80 14.38 8.81
CA THR D 47 -27.69 13.28 8.36
C THR D 47 -26.87 12.01 8.23
N ALA E 41 16.49 -9.76 -2.32
CA ALA E 41 17.85 -9.35 -2.67
C ALA E 41 18.88 -10.22 -1.97
N PRO E 42 18.44 -10.98 -0.97
CA PRO E 42 19.28 -12.01 -0.35
C PRO E 42 19.28 -13.30 -1.15
N ASN E 43 20.42 -13.62 -1.75
CA ASN E 43 20.58 -14.88 -2.47
C ASN E 43 21.58 -15.81 -1.80
N LEU E 44 21.27 -17.11 -1.80
CA LEU E 44 22.27 -18.13 -1.58
C LEU E 44 22.82 -18.67 -2.91
N ALA E 45 24.03 -18.23 -3.25
CA ALA E 45 24.70 -18.72 -4.44
C ALA E 45 23.94 -18.34 -5.72
N GLY E 46 23.25 -17.21 -5.66
CA GLY E 46 22.31 -16.83 -6.69
C GLY E 46 20.88 -17.21 -6.36
N ALA E 47 20.73 -18.21 -5.49
CA ALA E 47 19.41 -18.69 -5.10
C ALA E 47 18.68 -17.68 -4.23
N VAL E 48 17.63 -17.09 -4.78
CA VAL E 48 16.88 -16.06 -4.07
C VAL E 48 15.53 -16.58 -3.59
N GLU E 49 14.73 -17.07 -4.52
CA GLU E 49 13.47 -17.72 -4.21
C GLU E 49 13.69 -18.69 -3.04
N PHE E 50 12.75 -18.80 -2.11
CA PHE E 50 13.00 -19.69 -0.97
C PHE E 50 13.44 -21.12 -1.32
N ASN E 51 12.65 -21.80 -2.13
CA ASN E 51 12.84 -23.23 -2.31
C ASN E 51 14.10 -23.50 -3.11
N ASP E 52 14.45 -22.58 -3.99
CA ASP E 52 15.75 -22.68 -4.63
C ASP E 52 16.89 -22.72 -3.59
N VAL E 53 16.69 -22.03 -2.46
CA VAL E 53 17.65 -22.08 -1.36
C VAL E 53 17.58 -23.46 -0.75
N LYS E 54 16.37 -23.84 -0.43
CA LYS E 54 16.11 -25.08 0.27
C LYS E 54 16.60 -26.33 -0.51
N THR E 55 16.41 -26.37 -1.80
CA THR E 55 16.97 -27.50 -2.54
C THR E 55 18.49 -27.36 -2.43
N LEU E 56 19.01 -26.27 -2.92
CA LEU E 56 20.44 -26.03 -2.94
C LEU E 56 21.19 -26.41 -1.63
N LEU E 57 20.56 -26.13 -0.49
CA LEU E 57 21.09 -26.59 0.79
C LEU E 57 21.04 -28.10 0.95
N ARG E 58 19.89 -28.67 0.60
CA ARG E 58 19.69 -30.13 0.64
C ARG E 58 20.76 -30.84 -0.19
N GLU E 59 21.00 -30.36 -1.42
CA GLU E 59 21.96 -31.02 -2.26
C GLU E 59 23.31 -30.86 -1.62
N TRP E 60 23.58 -29.66 -1.13
CA TRP E 60 24.83 -29.41 -0.46
C TRP E 60 25.06 -30.31 0.75
N ILE E 61 24.13 -30.41 1.66
CA ILE E 61 24.38 -31.22 2.86
C ILE E 61 24.31 -32.69 2.56
N THR E 62 23.76 -33.06 1.40
CA THR E 62 23.51 -34.44 1.02
C THR E 62 24.64 -35.03 0.20
N THR E 63 25.13 -34.28 -0.77
CA THR E 63 26.30 -34.71 -1.52
C THR E 63 27.60 -34.72 -0.70
N ILE E 64 27.84 -33.65 0.07
CA ILE E 64 29.16 -33.33 0.67
C ILE E 64 29.21 -33.82 2.12
N SER E 65 30.37 -34.36 2.51
CA SER E 65 30.61 -34.86 3.89
C SER E 65 31.89 -34.27 4.53
N ASP E 66 32.51 -33.33 3.82
CA ASP E 66 33.54 -32.44 4.33
C ASP E 66 33.43 -31.15 3.55
N PRO E 67 32.53 -30.25 3.98
CA PRO E 67 32.21 -29.01 3.28
C PRO E 67 33.28 -27.95 3.49
N MET E 68 33.60 -27.24 2.41
CA MET E 68 34.55 -26.15 2.49
C MET E 68 33.93 -24.96 3.26
N GLU E 69 34.69 -24.40 4.22
CA GLU E 69 34.24 -23.32 5.09
C GLU E 69 33.80 -22.14 4.28
N GLU E 70 34.50 -21.87 3.20
CA GLU E 70 34.06 -20.91 2.21
C GLU E 70 32.53 -20.97 2.09
N ASP E 71 31.99 -22.18 1.91
CA ASP E 71 30.55 -22.41 1.72
C ASP E 71 29.75 -22.17 2.98
N ILE E 72 30.24 -22.73 4.09
CA ILE E 72 29.60 -22.52 5.39
C ILE E 72 29.39 -21.04 5.68
N LEU E 73 30.38 -20.22 5.35
CA LEU E 73 30.36 -18.81 5.68
C LEU E 73 29.29 -18.07 4.88
N GLN E 74 29.14 -18.44 3.62
CA GLN E 74 28.16 -17.82 2.74
C GLN E 74 26.73 -18.07 3.23
N VAL E 75 26.52 -19.23 3.84
CA VAL E 75 25.27 -19.53 4.51
C VAL E 75 25.05 -18.60 5.71
N VAL E 76 26.12 -18.32 6.44
CA VAL E 76 26.07 -17.37 7.54
C VAL E 76 25.82 -15.99 7.00
N LYS E 77 26.46 -15.67 5.89
CA LYS E 77 26.20 -14.39 5.27
C LYS E 77 24.79 -14.32 4.81
N TYR E 78 24.31 -15.38 4.18
CA TYR E 78 22.93 -15.44 3.72
C TYR E 78 21.88 -15.15 4.80
N CYS E 79 22.13 -15.70 5.98
CA CYS E 79 21.22 -15.57 7.09
C CYS E 79 21.25 -14.20 7.74
N THR E 80 22.44 -13.61 7.87
CA THR E 80 22.49 -12.27 8.41
C THR E 80 21.90 -11.25 7.47
N ASP E 81 22.06 -11.44 6.16
CA ASP E 81 21.27 -10.68 5.18
C ASP E 81 19.78 -10.86 5.33
N LEU E 82 19.34 -12.05 5.67
CA LEU E 82 17.92 -12.21 5.89
C LEU E 82 17.50 -11.42 7.08
N ILE E 83 18.37 -11.26 8.07
CA ILE E 83 18.03 -10.47 9.23
C ILE E 83 18.01 -9.02 8.83
N GLU E 84 19.06 -8.56 8.15
CA GLU E 84 19.12 -7.20 7.64
C GLU E 84 18.02 -6.88 6.63
N GLU E 85 17.67 -7.78 5.74
CA GLU E 85 16.54 -7.51 4.83
C GLU E 85 15.17 -7.66 5.46
N LYS E 86 15.10 -7.92 6.74
CA LYS E 86 13.82 -8.11 7.43
C LYS E 86 13.06 -9.31 6.91
N ASP E 87 13.69 -10.46 6.79
CA ASP E 87 12.94 -11.67 6.44
C ASP E 87 13.15 -12.80 7.45
N LEU E 88 12.60 -12.59 8.63
CA LEU E 88 12.67 -13.53 9.71
C LEU E 88 11.90 -14.82 9.48
N GLU E 89 10.90 -14.78 8.61
CA GLU E 89 10.17 -15.99 8.31
C GLU E 89 11.14 -16.88 7.62
N LYS E 90 11.63 -16.45 6.47
CA LYS E 90 12.54 -17.25 5.71
C LYS E 90 13.64 -17.72 6.58
N LEU E 91 14.22 -16.86 7.41
CA LEU E 91 15.40 -17.27 8.15
C LEU E 91 15.07 -18.36 9.15
N ASP E 92 13.98 -18.17 9.88
CA ASP E 92 13.48 -19.22 10.77
C ASP E 92 13.22 -20.52 10.05
N LEU E 93 12.76 -20.50 8.80
CA LEU E 93 12.59 -21.74 8.08
C LEU E 93 13.93 -22.34 7.74
N VAL E 94 14.80 -21.53 7.18
CA VAL E 94 16.13 -21.93 6.74
C VAL E 94 16.94 -22.52 7.86
N ILE E 95 16.91 -21.85 8.99
CA ILE E 95 17.63 -22.32 10.13
C ILE E 95 17.20 -23.74 10.39
N LYS E 96 15.90 -23.91 10.59
CA LYS E 96 15.28 -25.22 10.87
C LYS E 96 15.51 -26.31 9.82
N TYR E 97 15.28 -26.01 8.56
CA TYR E 97 15.53 -27.02 7.56
C TYR E 97 16.88 -27.64 7.81
N MET E 98 17.89 -26.80 7.82
CA MET E 98 19.25 -27.27 7.95
C MET E 98 19.59 -27.64 9.37
N LYS E 99 18.73 -27.37 10.32
CA LYS E 99 18.97 -27.94 11.62
C LYS E 99 18.67 -29.41 11.56
N ARG E 100 17.58 -29.73 10.89
CA ARG E 100 17.15 -31.09 10.73
C ARG E 100 18.21 -31.78 9.86
N LEU E 101 18.31 -31.45 8.58
CA LEU E 101 19.28 -32.14 7.73
C LEU E 101 20.70 -32.24 8.33
N MET E 102 21.16 -31.24 9.10
CA MET E 102 22.56 -31.17 9.53
C MET E 102 22.80 -32.03 10.72
N GLN E 103 21.87 -32.03 11.66
CA GLN E 103 21.97 -32.88 12.84
C GLN E 103 21.53 -34.34 12.58
N GLN E 104 20.94 -34.59 11.41
CA GLN E 104 20.53 -35.94 10.96
C GLN E 104 21.73 -36.67 10.39
N SER E 105 22.64 -35.89 9.79
CA SER E 105 23.77 -36.44 9.06
C SER E 105 24.77 -37.07 10.02
N VAL E 106 25.39 -38.13 9.51
CA VAL E 106 26.25 -39.01 10.30
C VAL E 106 27.58 -38.31 10.54
N GLU E 107 27.99 -37.48 9.58
CA GLU E 107 29.11 -36.59 9.79
C GLU E 107 28.89 -35.66 10.98
N SER E 108 29.71 -35.81 12.00
CA SER E 108 29.85 -34.82 13.05
C SER E 108 30.16 -33.45 12.44
N VAL E 109 30.93 -33.42 11.35
CA VAL E 109 31.25 -32.18 10.68
C VAL E 109 30.00 -31.34 10.58
N TRP E 110 28.95 -31.87 9.94
CA TRP E 110 27.71 -31.09 9.71
C TRP E 110 27.05 -30.59 11.00
N ASN E 111 27.28 -31.34 12.07
CA ASN E 111 26.69 -31.06 13.34
C ASN E 111 27.36 -29.87 13.99
N MET E 112 28.63 -29.66 13.70
CA MET E 112 29.34 -28.50 14.22
C MET E 112 29.13 -27.32 13.30
N ALA E 113 29.07 -27.58 12.00
CA ALA E 113 28.67 -26.58 11.03
C ALA E 113 27.43 -25.85 11.49
N PHE E 114 26.38 -26.57 11.83
CA PHE E 114 25.14 -25.92 12.28
C PHE E 114 25.32 -25.05 13.52
N ASP E 115 25.98 -25.57 14.52
CA ASP E 115 26.27 -24.79 15.71
C ASP E 115 26.96 -23.48 15.44
N PHE E 116 27.99 -23.52 14.60
CA PHE E 116 28.63 -22.31 14.12
C PHE E 116 27.62 -21.39 13.40
N ILE E 117 26.95 -21.90 12.40
CA ILE E 117 25.96 -21.11 11.67
C ILE E 117 24.97 -20.42 12.58
N LEU E 118 24.41 -21.13 13.55
CA LEU E 118 23.44 -20.52 14.45
C LEU E 118 24.04 -19.51 15.43
N ASP E 119 25.25 -19.74 15.93
CA ASP E 119 25.86 -18.81 16.87
C ASP E 119 26.02 -17.43 16.34
N ASN E 120 26.54 -17.35 15.13
CA ASN E 120 26.65 -16.10 14.44
C ASN E 120 25.29 -15.52 14.10
N VAL E 121 24.34 -16.36 13.74
CA VAL E 121 22.98 -15.85 13.55
C VAL E 121 22.43 -15.20 14.80
N GLN E 122 22.70 -15.77 15.95
CA GLN E 122 22.09 -15.27 17.18
C GLN E 122 22.72 -14.01 17.77
N VAL E 123 24.01 -13.76 17.57
CA VAL E 123 24.58 -12.56 18.16
C VAL E 123 24.12 -11.37 17.36
N VAL E 124 23.90 -11.58 16.06
CA VAL E 124 23.30 -10.58 15.16
C VAL E 124 21.82 -10.36 15.43
N LEU E 125 21.05 -11.41 15.71
CA LEU E 125 19.67 -11.20 16.09
C LEU E 125 19.61 -10.37 17.33
N GLN E 126 20.40 -10.80 18.30
CA GLN E 126 20.46 -10.24 19.64
C GLN E 126 20.77 -8.76 19.60
N GLN E 127 21.45 -8.29 18.57
CA GLN E 127 21.71 -6.87 18.41
C GLN E 127 20.78 -6.14 17.48
N THR E 128 20.03 -6.85 16.65
CA THR E 128 19.12 -6.21 15.75
C THR E 128 17.73 -6.20 16.27
N TYR E 129 17.26 -7.32 16.80
CA TYR E 129 15.93 -7.37 17.38
C TYR E 129 15.94 -7.49 18.89
N GLY E 130 17.10 -7.58 19.51
CA GLY E 130 17.15 -7.72 20.95
C GLY E 130 16.61 -9.03 21.46
N SER E 131 16.72 -10.07 20.64
CA SER E 131 16.08 -11.33 20.89
C SER E 131 16.97 -12.40 20.32
N THR E 132 16.75 -13.65 20.70
CA THR E 132 17.45 -14.77 20.08
C THR E 132 16.47 -15.77 19.52
N LEU E 133 16.74 -16.30 18.33
CA LEU E 133 15.79 -17.19 17.73
C LEU E 133 15.52 -18.27 18.73
N LYS E 134 14.24 -18.60 18.90
CA LYS E 134 13.82 -19.72 19.74
C LYS E 134 13.98 -21.00 18.95
N VAL E 135 14.83 -21.90 19.43
CA VAL E 135 15.08 -23.12 18.71
C VAL E 135 14.80 -24.25 19.70
N THR E 136 13.60 -24.82 19.57
CA THR E 136 13.02 -25.68 20.63
C THR E 136 13.85 -26.94 20.87
N ALA F 41 2.83 2.44 -31.01
CA ALA F 41 4.07 3.13 -31.51
C ALA F 41 5.24 3.12 -30.50
N PRO F 42 5.23 4.02 -29.50
CA PRO F 42 6.46 4.54 -28.90
C PRO F 42 7.46 3.49 -28.48
N ASN F 43 8.68 3.58 -28.98
CA ASN F 43 9.67 2.58 -28.62
C ASN F 43 11.05 3.20 -28.45
N LEU F 44 11.96 2.40 -27.87
CA LEU F 44 13.30 2.85 -27.53
C LEU F 44 14.34 1.84 -27.98
N ALA F 45 15.12 2.22 -28.99
CA ALA F 45 16.03 1.33 -29.75
C ALA F 45 15.35 -0.01 -30.14
N GLY F 46 14.03 0.02 -30.33
CA GLY F 46 13.24 -1.19 -30.52
C GLY F 46 12.26 -1.49 -29.39
N ALA F 47 12.70 -1.27 -28.14
CA ALA F 47 11.97 -1.71 -26.92
C ALA F 47 10.69 -0.93 -26.56
N VAL F 48 9.63 -1.68 -26.21
CA VAL F 48 8.26 -1.17 -26.11
C VAL F 48 7.65 -1.39 -24.73
N GLU F 49 7.29 -2.63 -24.41
CA GLU F 49 6.72 -2.99 -23.11
C GLU F 49 7.62 -2.35 -22.05
N PHE F 50 7.04 -1.81 -20.99
CA PHE F 50 7.83 -1.11 -19.98
C PHE F 50 9.06 -1.90 -19.51
N ASN F 51 8.91 -3.20 -19.27
CA ASN F 51 10.02 -4.01 -18.75
C ASN F 51 11.25 -3.96 -19.65
N ASP F 52 11.04 -4.24 -20.93
CA ASP F 52 12.15 -4.27 -21.89
C ASP F 52 12.83 -2.91 -22.04
N VAL F 53 12.09 -1.82 -21.83
CA VAL F 53 12.66 -0.47 -21.86
C VAL F 53 13.62 -0.27 -20.68
N LYS F 54 13.05 -0.44 -19.49
CA LYS F 54 13.73 -0.35 -18.21
C LYS F 54 15.07 -1.08 -18.20
N THR F 55 15.05 -2.39 -18.46
CA THR F 55 16.26 -3.23 -18.43
C THR F 55 17.27 -2.86 -19.52
N LEU F 56 16.78 -2.30 -20.63
CA LEU F 56 17.64 -1.74 -21.68
C LEU F 56 18.25 -0.42 -21.19
N LEU F 57 17.44 0.37 -20.48
CA LEU F 57 17.93 1.58 -19.85
C LEU F 57 18.98 1.23 -18.82
N ARG F 58 18.71 0.18 -18.03
CA ARG F 58 19.64 -0.24 -17.00
C ARG F 58 20.96 -0.65 -17.62
N GLU F 59 20.89 -1.59 -18.59
CA GLU F 59 22.09 -2.05 -19.32
C GLU F 59 22.88 -0.81 -19.76
N TRP F 60 22.16 0.12 -20.38
CA TRP F 60 22.78 1.30 -20.97
C TRP F 60 23.43 2.21 -19.92
N ILE F 61 22.76 2.41 -18.79
CA ILE F 61 23.25 3.40 -17.83
C ILE F 61 24.50 2.92 -17.11
N THR F 62 24.76 1.61 -17.13
CA THR F 62 25.89 1.04 -16.40
C THR F 62 27.03 0.52 -17.29
N THR F 63 26.69 -0.25 -18.32
CA THR F 63 27.71 -0.84 -19.20
C THR F 63 28.65 0.27 -19.75
N ILE F 64 28.15 1.03 -20.75
CA ILE F 64 28.93 2.09 -21.39
C ILE F 64 29.01 3.26 -20.42
N SER F 65 30.24 3.58 -20.01
CA SER F 65 30.52 4.55 -18.96
C SER F 65 30.43 6.02 -19.44
N ASP F 66 30.90 6.31 -20.66
CA ASP F 66 30.60 7.62 -21.29
C ASP F 66 29.65 7.41 -22.49
N PRO F 67 28.44 8.02 -22.41
CA PRO F 67 27.37 7.85 -23.40
C PRO F 67 27.33 8.94 -24.48
N MET F 68 27.43 8.50 -25.73
CA MET F 68 27.35 9.39 -26.89
C MET F 68 25.98 10.12 -26.92
N GLU F 69 26.05 11.45 -27.13
CA GLU F 69 24.88 12.33 -27.24
C GLU F 69 23.84 11.75 -28.21
N GLU F 70 24.28 11.09 -29.28
CA GLU F 70 23.35 10.38 -30.19
C GLU F 70 22.45 9.42 -29.39
N ASP F 71 23.01 8.79 -28.35
CA ASP F 71 22.26 7.83 -27.51
C ASP F 71 21.35 8.52 -26.46
N ILE F 72 21.77 9.63 -25.85
CA ILE F 72 20.87 10.41 -25.00
C ILE F 72 19.61 10.90 -25.74
N LEU F 73 19.83 11.56 -26.87
CA LEU F 73 18.74 12.22 -27.59
C LEU F 73 17.68 11.26 -28.05
N GLN F 74 18.07 10.03 -28.38
CA GLN F 74 17.09 9.06 -28.86
C GLN F 74 16.06 8.80 -27.75
N VAL F 75 16.54 8.94 -26.52
CA VAL F 75 15.74 8.78 -25.32
C VAL F 75 14.75 9.92 -25.17
N VAL F 76 15.24 11.15 -25.36
CA VAL F 76 14.37 12.30 -25.24
C VAL F 76 13.31 12.21 -26.30
N LYS F 77 13.70 11.83 -27.50
CA LYS F 77 12.71 11.69 -28.55
C LYS F 77 11.70 10.64 -28.13
N TYR F 78 12.16 9.56 -27.51
CA TYR F 78 11.25 8.53 -26.96
C TYR F 78 10.26 9.09 -25.97
N CYS F 79 10.72 9.97 -25.10
CA CYS F 79 9.87 10.47 -24.03
C CYS F 79 8.77 11.35 -24.59
N THR F 80 9.09 12.22 -25.54
CA THR F 80 8.08 13.12 -26.12
C THR F 80 7.14 12.39 -27.07
N ASP F 81 7.61 11.37 -27.77
CA ASP F 81 6.72 10.38 -28.41
C ASP F 81 5.60 9.99 -27.45
N LEU F 82 5.99 9.56 -26.26
CA LEU F 82 5.06 9.08 -25.23
C LEU F 82 4.05 10.12 -24.76
N ILE F 83 4.51 11.36 -24.71
CA ILE F 83 3.68 12.50 -24.42
C ILE F 83 2.64 12.61 -25.54
N GLU F 84 3.13 12.64 -26.80
CA GLU F 84 2.27 12.81 -27.97
C GLU F 84 1.32 11.65 -28.04
N GLU F 85 1.83 10.45 -27.77
CA GLU F 85 1.03 9.23 -27.87
C GLU F 85 0.08 9.01 -26.68
N LYS F 86 0.15 9.89 -25.68
CA LYS F 86 -0.70 9.80 -24.49
C LYS F 86 -0.40 8.55 -23.63
N ASP F 87 0.86 8.27 -23.31
CA ASP F 87 1.17 7.34 -22.20
C ASP F 87 1.97 8.05 -21.11
N LEU F 88 1.31 9.04 -20.51
CA LEU F 88 1.82 9.78 -19.37
C LEU F 88 2.28 8.92 -18.22
N GLU F 89 1.59 7.82 -17.98
CA GLU F 89 2.06 6.80 -17.05
C GLU F 89 3.51 6.36 -17.38
N LYS F 90 3.70 5.73 -18.52
CA LYS F 90 5.03 5.27 -18.87
C LYS F 90 6.07 6.37 -18.87
N LEU F 91 5.65 7.59 -19.19
CA LEU F 91 6.59 8.70 -19.20
C LEU F 91 7.08 8.89 -17.77
N ASP F 92 6.19 8.70 -16.82
CA ASP F 92 6.54 8.92 -15.42
C ASP F 92 7.46 7.81 -14.92
N LEU F 93 7.08 6.56 -15.18
CA LEU F 93 7.92 5.44 -14.78
C LEU F 93 9.27 5.69 -15.36
N VAL F 94 9.35 5.73 -16.68
CA VAL F 94 10.62 5.95 -17.33
C VAL F 94 11.40 7.07 -16.68
N ILE F 95 10.76 8.20 -16.43
CA ILE F 95 11.51 9.32 -15.91
C ILE F 95 11.97 9.05 -14.49
N LYS F 96 11.13 8.37 -13.71
CA LYS F 96 11.47 8.07 -12.34
C LYS F 96 12.57 7.02 -12.30
N TYR F 97 12.38 5.92 -13.00
CA TYR F 97 13.41 4.88 -13.10
C TYR F 97 14.74 5.47 -13.56
N MET F 98 14.72 6.20 -14.67
CA MET F 98 15.89 6.98 -15.05
C MET F 98 16.47 7.72 -13.85
N LYS F 99 15.68 8.53 -13.18
CA LYS F 99 16.18 9.34 -12.08
C LYS F 99 16.94 8.52 -11.06
N ARG F 100 16.40 7.36 -10.71
CA ARG F 100 17.01 6.50 -9.71
C ARG F 100 18.44 6.20 -10.15
N LEU F 101 18.54 5.37 -11.19
CA LEU F 101 19.82 4.95 -11.68
C LEU F 101 20.61 6.22 -11.96
N MET F 102 20.04 7.17 -12.71
CA MET F 102 20.82 8.26 -13.30
C MET F 102 21.52 9.24 -12.33
N GLN F 103 21.49 9.00 -11.02
CA GLN F 103 22.16 9.95 -10.09
C GLN F 103 23.24 9.35 -9.16
N GLN F 104 24.34 8.83 -9.75
CA GLN F 104 25.58 8.46 -9.03
C GLN F 104 26.81 8.70 -9.91
N SER F 108 28.66 11.88 -12.37
CA SER F 108 28.20 13.24 -12.70
C SER F 108 27.79 13.44 -14.17
N VAL F 109 28.44 12.69 -15.07
CA VAL F 109 28.05 12.67 -16.47
C VAL F 109 26.61 12.19 -16.60
N TRP F 110 26.24 11.12 -15.89
CA TRP F 110 24.88 10.58 -15.97
C TRP F 110 23.84 11.44 -15.28
N ASN F 111 24.28 12.39 -14.46
CA ASN F 111 23.36 13.29 -13.81
C ASN F 111 22.96 14.38 -14.77
N MET F 112 23.96 15.01 -15.42
CA MET F 112 23.72 15.99 -16.48
C MET F 112 22.66 15.41 -17.42
N ALA F 113 22.99 14.25 -17.98
CA ALA F 113 22.13 13.55 -18.89
C ALA F 113 20.69 13.64 -18.41
N PHE F 114 20.45 13.24 -17.16
CA PHE F 114 19.08 13.23 -16.64
C PHE F 114 18.43 14.61 -16.72
N ASP F 115 19.09 15.60 -16.13
CA ASP F 115 18.55 16.93 -16.11
C ASP F 115 18.23 17.45 -17.48
N PHE F 116 19.10 17.16 -18.44
CA PHE F 116 18.87 17.56 -19.81
C PHE F 116 17.58 16.92 -20.35
N ILE F 117 17.34 15.66 -19.99
CA ILE F 117 16.15 14.94 -20.44
C ILE F 117 14.90 15.47 -19.75
N LEU F 118 15.02 15.81 -18.48
CA LEU F 118 13.89 16.35 -17.76
C LEU F 118 13.53 17.75 -18.25
N ASP F 119 14.56 18.55 -18.57
CA ASP F 119 14.37 19.91 -19.07
C ASP F 119 13.43 19.90 -20.24
N ASN F 120 13.78 19.02 -21.17
CA ASN F 120 13.10 18.94 -22.44
C ASN F 120 11.70 18.36 -22.25
N VAL F 121 11.59 17.24 -21.58
CA VAL F 121 10.28 16.68 -21.30
C VAL F 121 9.32 17.69 -20.66
N GLN F 122 9.88 18.53 -19.79
CA GLN F 122 9.08 19.42 -18.95
C GLN F 122 8.44 20.53 -19.74
N VAL F 123 9.25 21.21 -20.56
CA VAL F 123 8.76 22.26 -21.49
C VAL F 123 7.72 21.73 -22.46
N VAL F 124 7.85 20.47 -22.87
CA VAL F 124 6.84 19.90 -23.71
C VAL F 124 5.60 19.64 -22.89
N LEU F 125 5.72 19.21 -21.64
CA LEU F 125 4.55 19.05 -20.80
C LEU F 125 3.89 20.37 -20.59
N GLN F 126 4.70 21.36 -20.28
CA GLN F 126 4.26 22.75 -20.18
C GLN F 126 3.24 23.07 -21.25
N GLN F 127 3.57 22.84 -22.52
CA GLN F 127 2.67 23.21 -23.60
C GLN F 127 1.55 22.21 -23.85
N THR F 128 1.86 20.93 -23.88
CA THR F 128 0.85 19.94 -24.26
C THR F 128 -0.26 19.79 -23.23
N TYR F 129 0.11 19.77 -21.95
CA TYR F 129 -0.86 19.55 -20.88
C TYR F 129 -1.11 20.77 -20.02
N GLY F 130 -0.14 21.69 -20.00
CA GLY F 130 -0.29 22.93 -19.27
C GLY F 130 0.34 22.89 -17.90
N SER F 131 0.86 21.73 -17.56
CA SER F 131 1.40 21.50 -16.25
C SER F 131 2.82 21.01 -16.41
N THR F 132 3.48 20.80 -15.29
CA THR F 132 4.80 20.24 -15.28
C THR F 132 4.75 19.02 -14.39
N LEU F 133 5.56 18.01 -14.75
CA LEU F 133 5.57 16.75 -14.02
C LEU F 133 5.95 16.97 -12.57
N LYS F 134 5.16 16.41 -11.65
CA LYS F 134 5.49 16.46 -10.24
C LYS F 134 6.44 15.35 -9.90
N VAL F 135 7.68 15.69 -9.64
CA VAL F 135 8.67 14.74 -9.14
C VAL F 135 9.95 15.56 -8.88
N THR F 136 10.57 15.34 -7.72
CA THR F 136 11.72 16.15 -7.26
C THR F 136 12.49 15.49 -6.11
N SER G 3 34.87 -24.33 -4.74
CA SER G 3 33.87 -24.90 -3.77
C SER G 3 32.38 -24.73 -4.16
N PHE G 4 31.58 -25.47 -3.38
CA PHE G 4 30.23 -25.85 -3.77
C PHE G 4 29.33 -24.74 -4.28
N PHE G 5 29.13 -23.73 -3.44
CA PHE G 5 28.16 -22.69 -3.80
C PHE G 5 28.64 -21.88 -5.02
N ASP G 6 29.95 -21.67 -5.17
CA ASP G 6 30.50 -20.96 -6.36
C ASP G 6 30.11 -21.67 -7.67
N LYS G 7 30.58 -22.92 -7.78
CA LYS G 7 30.21 -23.85 -8.85
C LYS G 7 28.72 -24.18 -8.88
N LYS G 8 27.95 -23.70 -7.91
CA LYS G 8 26.51 -23.75 -8.08
C LYS G 8 25.95 -22.42 -8.56
N ARG G 9 25.80 -22.40 -9.88
CA ARG G 9 24.95 -21.43 -10.58
C ARG G 9 24.17 -22.21 -11.67
N SER G 10 23.42 -23.23 -11.22
CA SER G 10 22.36 -23.91 -12.02
C SER G 10 21.18 -24.35 -11.12
#